data_6L38
#
_entry.id   6L38
#
_cell.length_a   60.414
_cell.length_b   101.803
_cell.length_c   64.724
_cell.angle_alpha   90.000
_cell.angle_beta   104.770
_cell.angle_gamma   90.000
#
_symmetry.space_group_name_H-M   'P 1 21 1'
#
loop_
_entity.id
_entity.type
_entity.pdbx_description
1 polymer 'Peroxisome proliferator-activated receptor alpha'
2 non-polymer 2-chloro-5-nitro-N-phenylbenzamide
#
_entity_poly.entity_id   1
_entity_poly.type   'polypeptide(L)'
_entity_poly.pdbx_seq_one_letter_code
;GSHMTADLKSLAKRIYEAYLKNFNMNKVKARVILSGKASNNPPFVIHDMETLCMAEKTLVAKLVANGIQNKEAEVRIFHC
CQCTSVETVTELTEFAKAIPGFANLDLNDQVTLLKYGVYEAIFAMLSSVMNKDGMLVAYGNGFITREFLKSLRKPFCDIM
EPKFDFAMKFNALELDDSDISLFVAAIICCGDRPGLLNVGHIEKMQEGIVHVLRLHLQSNHPDDIFLFPKLLQKMADLRQ
LVTEHAQLVQIIKKTESDAALHPLLQEIYRDMY
;
_entity_poly.pdbx_strand_id   A,B
#
# COMPACT_ATOMS: atom_id res chain seq x y z
N MET A 4 -10.98 -19.27 2.62
CA MET A 4 -10.38 -19.93 1.48
C MET A 4 -10.68 -21.43 1.48
N THR A 5 -11.19 -21.93 0.37
CA THR A 5 -11.65 -23.31 0.27
C THR A 5 -10.44 -24.24 0.15
N ALA A 6 -10.72 -25.54 -0.06
CA ALA A 6 -9.66 -26.54 -0.20
C ALA A 6 -9.21 -26.70 -1.66
N ASP A 7 -10.17 -26.73 -2.60
CA ASP A 7 -9.80 -26.78 -4.00
C ASP A 7 -8.89 -25.63 -4.38
N LEU A 8 -9.24 -24.42 -3.94
CA LEU A 8 -8.38 -23.26 -4.19
C LEU A 8 -7.07 -23.37 -3.44
N LYS A 9 -7.11 -23.83 -2.18
CA LYS A 9 -5.88 -23.98 -1.40
C LYS A 9 -4.93 -24.98 -2.05
N SER A 10 -5.47 -26.01 -2.69
CA SER A 10 -4.61 -26.96 -3.40
C SER A 10 -4.12 -26.39 -4.73
N LEU A 11 -4.99 -25.67 -5.44
CA LEU A 11 -4.57 -25.04 -6.69
C LEU A 11 -3.38 -24.12 -6.47
N ALA A 12 -3.35 -23.43 -5.33
CA ALA A 12 -2.21 -22.57 -5.02
C ALA A 12 -0.95 -23.38 -4.77
N LYS A 13 -1.06 -24.41 -3.92
CA LYS A 13 0.10 -25.27 -3.66
C LYS A 13 0.58 -25.92 -4.94
N ARG A 14 -0.34 -26.34 -5.82
CA ARG A 14 0.05 -26.91 -7.10
C ARG A 14 0.86 -25.91 -7.92
N ILE A 15 0.37 -24.66 -8.01
CA ILE A 15 1.13 -23.61 -8.70
C ILE A 15 2.48 -23.40 -8.01
N TYR A 16 2.46 -23.30 -6.68
CA TYR A 16 3.70 -23.18 -5.92
C TYR A 16 4.65 -24.33 -6.24
N GLU A 17 4.12 -25.55 -6.34
CA GLU A 17 4.96 -26.71 -6.63
C GLU A 17 5.65 -26.56 -7.98
N ALA A 18 4.89 -26.20 -9.01
CA ALA A 18 5.48 -26.03 -10.34
C ALA A 18 6.49 -24.89 -10.36
N TYR A 19 6.29 -23.88 -9.52
CA TYR A 19 7.25 -22.76 -9.46
C TYR A 19 8.60 -23.23 -8.94
N LEU A 20 8.60 -23.99 -7.84
CA LEU A 20 9.87 -24.43 -7.27
C LEU A 20 10.54 -25.50 -8.13
N LYS A 21 9.74 -26.31 -8.85
CA LYS A 21 10.32 -27.36 -9.66
C LYS A 21 10.98 -26.83 -10.93
N ASN A 22 10.46 -25.75 -11.50
CA ASN A 22 10.94 -25.28 -12.80
C ASN A 22 11.91 -24.10 -12.71
N PHE A 23 11.94 -23.38 -11.60
CA PHE A 23 12.86 -22.25 -11.43
C PHE A 23 13.89 -22.61 -10.37
N ASN A 24 15.13 -22.79 -10.80
CA ASN A 24 16.20 -23.19 -9.89
C ASN A 24 16.50 -22.11 -8.87
N MET A 25 16.41 -20.84 -9.25
CA MET A 25 16.78 -19.73 -8.40
C MET A 25 15.51 -19.06 -7.90
N ASN A 26 14.98 -19.56 -6.78
CA ASN A 26 13.82 -18.97 -6.14
C ASN A 26 14.24 -17.86 -5.17
N LYS A 27 13.25 -17.16 -4.65
CA LYS A 27 13.54 -16.02 -3.78
C LYS A 27 14.18 -16.44 -2.47
N VAL A 28 13.81 -17.61 -1.94
CA VAL A 28 14.40 -18.06 -0.68
C VAL A 28 15.88 -18.40 -0.87
N LYS A 29 16.20 -19.13 -1.95
CA LYS A 29 17.60 -19.42 -2.24
C LYS A 29 18.41 -18.13 -2.36
N ALA A 30 17.87 -17.14 -3.08
CA ALA A 30 18.61 -15.90 -3.30
C ALA A 30 18.74 -15.11 -2.00
N ARG A 31 17.67 -15.02 -1.21
CA ARG A 31 17.70 -14.19 -0.01
C ARG A 31 18.68 -14.73 1.04
N VAL A 32 18.91 -16.03 1.05
CA VAL A 32 19.89 -16.58 1.98
C VAL A 32 21.31 -16.28 1.51
N ILE A 33 21.54 -16.33 0.20
CA ILE A 33 22.85 -16.00 -0.35
C ILE A 33 23.18 -14.54 -0.06
N LEU A 34 22.26 -13.63 -0.42
CA LEU A 34 22.52 -12.21 -0.25
C LEU A 34 22.76 -11.83 1.20
N SER A 35 22.15 -12.56 2.14
CA SER A 35 22.32 -12.26 3.56
C SER A 35 23.64 -12.77 4.11
N GLY A 36 24.28 -13.73 3.44
CA GLY A 36 25.53 -14.27 3.93
C GLY A 36 25.42 -14.94 5.29
N LYS A 37 24.23 -15.47 5.61
CA LYS A 37 24.01 -16.11 6.90
C LYS A 37 24.13 -17.62 6.86
N ALA A 38 24.20 -18.22 5.66
CA ALA A 38 24.30 -19.67 5.53
C ALA A 38 25.60 -20.10 4.85
N SER A 39 26.54 -19.19 4.64
CA SER A 39 27.79 -19.54 3.99
C SER A 39 28.77 -18.38 4.15
N ASN A 40 30.02 -18.70 4.46
CA ASN A 40 31.09 -17.73 4.56
C ASN A 40 31.81 -17.52 3.24
N ASN A 41 31.41 -18.24 2.18
CA ASN A 41 31.99 -18.11 0.85
C ASN A 41 31.04 -17.30 -0.03
N PRO A 42 31.22 -15.98 -0.12
CA PRO A 42 30.29 -15.17 -0.90
C PRO A 42 30.48 -15.38 -2.38
N PRO A 43 29.52 -14.95 -3.21
CA PRO A 43 29.69 -15.08 -4.65
C PRO A 43 30.72 -14.09 -5.18
N PHE A 44 31.35 -14.47 -6.28
CA PHE A 44 32.30 -13.58 -6.93
C PHE A 44 31.61 -12.29 -7.35
N VAL A 45 32.21 -11.16 -6.99
CA VAL A 45 31.61 -9.85 -7.24
C VAL A 45 32.17 -9.30 -8.54
N ILE A 46 31.28 -8.81 -9.40
CA ILE A 46 31.66 -8.17 -10.66
C ILE A 46 31.30 -6.69 -10.54
N HIS A 47 32.31 -5.84 -10.52
CA HIS A 47 32.10 -4.40 -10.38
C HIS A 47 32.87 -3.57 -11.38
N ASP A 48 33.69 -4.19 -12.23
CA ASP A 48 34.47 -3.45 -13.21
C ASP A 48 34.86 -4.40 -14.33
N MET A 49 35.47 -3.84 -15.38
CA MET A 49 35.92 -4.66 -16.50
C MET A 49 36.94 -5.68 -16.06
N GLU A 50 37.70 -5.39 -15.01
CA GLU A 50 38.70 -6.33 -14.51
C GLU A 50 38.03 -7.62 -14.02
N THR A 51 37.19 -7.51 -13.00
CA THR A 51 36.52 -8.70 -12.46
C THR A 51 35.66 -9.38 -13.51
N LEU A 52 35.12 -8.62 -14.46
CA LEU A 52 34.34 -9.23 -15.53
C LEU A 52 35.21 -10.20 -16.33
N CYS A 53 36.36 -9.74 -16.81
CA CYS A 53 37.26 -10.61 -17.58
C CYS A 53 37.71 -11.82 -16.77
N MET A 54 37.73 -11.70 -15.44
CA MET A 54 38.08 -12.85 -14.60
C MET A 54 36.95 -13.88 -14.60
N ALA A 55 35.71 -13.42 -14.38
CA ALA A 55 34.59 -14.33 -14.43
C ALA A 55 34.38 -14.92 -15.82
N GLU A 56 34.67 -14.13 -16.86
CA GLU A 56 34.50 -14.62 -18.22
C GLU A 56 35.46 -15.75 -18.54
N LYS A 57 36.61 -15.80 -17.87
CA LYS A 57 37.55 -16.91 -18.08
C LYS A 57 36.98 -18.24 -17.61
N THR A 58 35.88 -18.23 -16.85
CA THR A 58 35.21 -19.48 -16.49
C THR A 58 34.46 -20.05 -17.69
N LEU A 59 33.69 -19.21 -18.38
CA LEU A 59 32.95 -19.60 -19.57
C LEU A 59 33.70 -19.22 -20.85
N VAL A 60 35.01 -19.43 -20.88
CA VAL A 60 35.79 -19.13 -22.08
C VAL A 60 35.44 -20.08 -23.22
N ALA A 61 34.85 -21.24 -22.92
CA ALA A 61 34.52 -22.19 -23.97
C ALA A 61 33.35 -21.69 -24.82
N LYS A 62 32.25 -21.32 -24.18
CA LYS A 62 31.07 -20.90 -24.92
C LYS A 62 31.26 -19.53 -25.57
N LEU A 63 32.09 -18.67 -24.97
CA LEU A 63 32.41 -17.39 -25.60
C LEU A 63 33.14 -17.60 -26.92
N VAL A 64 34.05 -18.59 -26.96
CA VAL A 64 34.77 -18.87 -28.20
C VAL A 64 33.84 -19.52 -29.21
N ALA A 65 33.01 -20.47 -28.78
CA ALA A 65 32.08 -21.14 -29.68
C ALA A 65 31.18 -20.12 -30.38
N ASN A 66 30.60 -19.21 -29.62
CA ASN A 66 29.72 -18.18 -30.17
C ASN A 66 30.48 -17.04 -30.84
N GLY A 67 31.80 -17.16 -31.00
CA GLY A 67 32.59 -16.13 -31.65
C GLY A 67 32.33 -14.74 -31.13
N ILE A 68 32.35 -14.58 -29.81
CA ILE A 68 32.05 -13.30 -29.18
C ILE A 68 33.17 -12.94 -28.22
N GLN A 69 34.04 -13.91 -27.94
CA GLN A 69 35.14 -13.72 -26.99
C GLN A 69 35.97 -12.48 -27.29
N ASN A 70 35.93 -11.97 -28.52
CA ASN A 70 36.76 -10.84 -28.91
C ASN A 70 35.98 -9.56 -29.10
N LYS A 71 34.66 -9.58 -28.93
CA LYS A 71 33.85 -8.40 -29.16
C LYS A 71 33.89 -7.47 -27.94
N GLU A 72 33.16 -6.37 -28.04
CA GLU A 72 33.14 -5.38 -26.96
C GLU A 72 32.51 -5.97 -25.71
N ALA A 73 32.89 -5.43 -24.56
CA ALA A 73 32.41 -5.96 -23.28
C ALA A 73 30.90 -5.83 -23.17
N GLU A 74 30.35 -4.69 -23.57
CA GLU A 74 28.90 -4.51 -23.52
C GLU A 74 28.19 -5.61 -24.31
N VAL A 75 28.71 -5.97 -25.49
CA VAL A 75 28.05 -6.97 -26.32
C VAL A 75 28.15 -8.34 -25.68
N ARG A 76 29.24 -8.64 -24.96
CA ARG A 76 29.36 -9.94 -24.31
C ARG A 76 28.28 -10.13 -23.26
N ILE A 77 28.08 -9.13 -22.39
CA ILE A 77 27.01 -9.20 -21.40
C ILE A 77 25.67 -9.35 -22.08
N PHE A 78 25.43 -8.56 -23.13
CA PHE A 78 24.16 -8.63 -23.85
C PHE A 78 23.91 -10.01 -24.43
N HIS A 79 24.98 -10.76 -24.73
CA HIS A 79 24.81 -12.10 -25.29
C HIS A 79 24.56 -13.14 -24.21
N CYS A 80 25.37 -13.11 -23.14
CA CYS A 80 25.15 -14.04 -22.03
C CYS A 80 23.75 -13.87 -21.45
N CYS A 81 23.28 -12.63 -21.32
CA CYS A 81 21.96 -12.39 -20.75
C CYS A 81 20.86 -12.99 -21.61
N GLN A 82 21.02 -12.94 -22.93
CA GLN A 82 20.05 -13.59 -23.80
C GLN A 82 19.91 -15.06 -23.47
N CYS A 83 21.04 -15.73 -23.19
CA CYS A 83 20.99 -17.12 -22.75
C CYS A 83 20.10 -17.28 -21.53
N THR A 84 20.27 -16.40 -20.54
CA THR A 84 19.45 -16.48 -19.34
C THR A 84 17.97 -16.33 -19.68
N SER A 85 17.65 -15.44 -20.62
CA SER A 85 16.26 -15.26 -21.01
C SER A 85 15.72 -16.52 -21.69
N VAL A 86 16.50 -17.12 -22.58
CA VAL A 86 16.07 -18.35 -23.23
C VAL A 86 15.77 -19.43 -22.21
N GLU A 87 16.65 -19.59 -21.22
CA GLU A 87 16.40 -20.58 -20.18
C GLU A 87 15.10 -20.29 -19.43
N THR A 88 14.93 -19.03 -19.01
CA THR A 88 13.73 -18.68 -18.24
C THR A 88 12.47 -18.81 -19.08
N VAL A 89 12.54 -18.41 -20.35
CA VAL A 89 11.40 -18.60 -21.26
C VAL A 89 11.05 -20.09 -21.35
N THR A 90 12.07 -20.94 -21.46
CA THR A 90 11.82 -22.38 -21.48
C THR A 90 11.20 -22.85 -20.17
N GLU A 91 11.75 -22.40 -19.04
CA GLU A 91 11.21 -22.82 -17.75
C GLU A 91 9.76 -22.35 -17.59
N LEU A 92 9.45 -21.14 -18.07
CA LEU A 92 8.08 -20.65 -18.01
C LEU A 92 7.15 -21.48 -18.88
N THR A 93 7.63 -21.92 -20.04
CA THR A 93 6.81 -22.77 -20.90
C THR A 93 6.42 -24.05 -20.18
N GLU A 94 7.34 -24.63 -19.40
CA GLU A 94 7.00 -25.80 -18.61
C GLU A 94 6.13 -25.41 -17.41
N PHE A 95 6.42 -24.28 -16.78
CA PHE A 95 5.62 -23.83 -15.65
C PHE A 95 4.17 -23.63 -16.05
N ALA A 96 3.91 -23.20 -17.27
CA ALA A 96 2.54 -22.92 -17.70
C ALA A 96 1.69 -24.18 -17.71
N LYS A 97 2.30 -25.36 -17.87
CA LYS A 97 1.52 -26.60 -17.91
C LYS A 97 0.77 -26.83 -16.61
N ALA A 98 1.33 -26.41 -15.48
CA ALA A 98 0.70 -26.59 -14.19
C ALA A 98 -0.45 -25.62 -13.95
N ILE A 99 -0.74 -24.73 -14.87
CA ILE A 99 -1.86 -23.81 -14.74
C ILE A 99 -3.12 -24.54 -15.19
N PRO A 100 -4.03 -24.88 -14.26
CA PRO A 100 -5.25 -25.59 -14.65
C PRO A 100 -5.98 -24.92 -15.81
N GLY A 101 -6.04 -25.62 -16.95
CA GLY A 101 -6.66 -25.12 -18.15
C GLY A 101 -5.70 -24.70 -19.24
N PHE A 102 -4.45 -24.40 -18.90
CA PHE A 102 -3.50 -23.95 -19.91
C PHE A 102 -3.19 -25.07 -20.90
N ALA A 103 -3.04 -26.30 -20.40
CA ALA A 103 -2.71 -27.41 -21.28
C ALA A 103 -3.85 -27.74 -22.24
N ASN A 104 -5.08 -27.37 -21.90
CA ASN A 104 -6.24 -27.67 -22.73
C ASN A 104 -6.53 -26.59 -23.76
N LEU A 105 -5.93 -25.41 -23.63
CA LEU A 105 -6.15 -24.35 -24.62
C LEU A 105 -5.60 -24.75 -25.97
N ASP A 106 -6.11 -24.11 -27.01
CA ASP A 106 -5.56 -24.29 -28.34
C ASP A 106 -4.06 -23.97 -28.32
N LEU A 107 -3.32 -24.63 -29.20
CA LEU A 107 -1.86 -24.46 -29.21
C LEU A 107 -1.48 -23.01 -29.49
N ASN A 108 -2.09 -22.41 -30.51
CA ASN A 108 -1.75 -21.03 -30.87
C ASN A 108 -1.93 -20.09 -29.69
N ASP A 109 -3.02 -20.26 -28.94
CA ASP A 109 -3.25 -19.39 -27.79
C ASP A 109 -2.20 -19.60 -26.70
N GLN A 110 -1.64 -20.80 -26.60
CA GLN A 110 -0.56 -21.03 -25.64
C GLN A 110 0.70 -20.27 -26.06
N VAL A 111 1.02 -20.29 -27.35
CA VAL A 111 2.16 -19.53 -27.84
C VAL A 111 1.94 -18.04 -27.64
N THR A 112 0.70 -17.58 -27.85
CA THR A 112 0.41 -16.15 -27.70
C THR A 112 0.53 -15.72 -26.23
N LEU A 113 -0.01 -16.52 -25.31
CA LEU A 113 0.07 -16.16 -23.90
C LEU A 113 1.52 -16.07 -23.44
N LEU A 114 2.34 -17.06 -23.81
CA LEU A 114 3.75 -17.02 -23.44
C LEU A 114 4.49 -15.93 -24.19
N LYS A 115 4.14 -15.71 -25.46
CA LYS A 115 4.84 -14.73 -26.28
C LYS A 115 4.83 -13.35 -25.62
N TYR A 116 3.74 -12.99 -24.96
CA TYR A 116 3.60 -11.67 -24.36
C TYR A 116 3.82 -11.65 -22.86
N GLY A 117 3.78 -12.80 -22.19
CA GLY A 117 3.87 -12.81 -20.75
C GLY A 117 5.25 -13.11 -20.20
N VAL A 118 6.08 -13.82 -20.97
CA VAL A 118 7.35 -14.32 -20.43
C VAL A 118 8.20 -13.17 -19.91
N TYR A 119 8.26 -12.06 -20.64
CA TYR A 119 9.11 -10.96 -20.19
C TYR A 119 8.49 -10.19 -19.04
N GLU A 120 7.16 -10.09 -18.98
CA GLU A 120 6.53 -9.57 -17.77
C GLU A 120 6.85 -10.46 -16.58
N ALA A 121 6.86 -11.78 -16.78
CA ALA A 121 7.21 -12.69 -15.70
C ALA A 121 8.69 -12.60 -15.37
N ILE A 122 9.55 -12.51 -16.40
CA ILE A 122 10.99 -12.42 -16.16
C ILE A 122 11.31 -11.23 -15.26
N PHE A 123 10.92 -10.03 -15.69
CA PHE A 123 11.22 -8.85 -14.89
C PHE A 123 10.62 -8.94 -13.50
N ALA A 124 9.48 -9.62 -13.36
CA ALA A 124 8.91 -9.84 -12.04
C ALA A 124 9.82 -10.72 -11.19
N MET A 125 10.13 -11.92 -11.68
CA MET A 125 10.99 -12.83 -10.91
C MET A 125 12.40 -12.27 -10.78
N LEU A 126 12.84 -11.45 -11.73
CA LEU A 126 14.18 -10.88 -11.66
C LEU A 126 14.37 -10.08 -10.37
N SER A 127 13.29 -9.52 -9.83
CA SER A 127 13.40 -8.76 -8.59
C SER A 127 13.89 -9.64 -7.43
N SER A 128 13.64 -10.94 -7.50
CA SER A 128 13.99 -11.81 -6.39
C SER A 128 15.50 -11.92 -6.19
N VAL A 129 16.27 -11.74 -7.25
CA VAL A 129 17.72 -11.86 -7.19
C VAL A 129 18.39 -10.49 -7.21
N MET A 130 17.66 -9.43 -6.83
CA MET A 130 18.15 -8.06 -6.89
C MET A 130 18.09 -7.41 -5.52
N ASN A 131 19.07 -6.55 -5.26
CA ASN A 131 19.04 -5.63 -4.14
C ASN A 131 19.46 -4.25 -4.64
N LYS A 132 19.49 -3.27 -3.73
CA LYS A 132 19.82 -1.90 -4.13
C LYS A 132 21.21 -1.78 -4.75
N ASP A 133 22.06 -2.80 -4.64
CA ASP A 133 23.43 -2.72 -5.09
C ASP A 133 23.78 -3.63 -6.26
N GLY A 134 22.91 -4.57 -6.62
CA GLY A 134 23.23 -5.46 -7.72
C GLY A 134 22.30 -6.66 -7.72
N MET A 135 22.66 -7.63 -8.56
CA MET A 135 21.84 -8.83 -8.77
C MET A 135 22.72 -10.05 -8.83
N LEU A 136 22.25 -11.15 -8.24
CA LEU A 136 22.94 -12.42 -8.36
C LEU A 136 22.91 -12.92 -9.79
N VAL A 137 23.94 -13.67 -10.18
CA VAL A 137 24.07 -14.20 -11.53
C VAL A 137 24.68 -15.59 -11.45
N ALA A 138 24.53 -16.33 -12.55
CA ALA A 138 25.08 -17.68 -12.67
C ALA A 138 24.63 -18.57 -11.50
N TYR A 139 23.31 -18.71 -11.40
CA TYR A 139 22.68 -19.57 -10.39
C TYR A 139 23.15 -19.22 -8.97
N GLY A 140 23.44 -17.95 -8.73
CA GLY A 140 23.81 -17.50 -7.40
C GLY A 140 25.29 -17.54 -7.09
N ASN A 141 26.13 -17.84 -8.06
CA ASN A 141 27.58 -17.89 -7.84
C ASN A 141 28.27 -16.56 -8.12
N GLY A 142 27.57 -15.57 -8.67
CA GLY A 142 28.16 -14.29 -8.95
C GLY A 142 27.23 -13.16 -8.55
N PHE A 143 27.82 -11.98 -8.41
CA PHE A 143 27.05 -10.77 -8.05
C PHE A 143 27.61 -9.61 -8.87
N ILE A 144 26.87 -9.22 -9.90
CA ILE A 144 27.25 -8.08 -10.73
C ILE A 144 26.59 -6.83 -10.15
N THR A 145 27.39 -5.78 -9.95
CA THR A 145 26.95 -4.61 -9.20
C THR A 145 26.09 -3.69 -10.06
N ARG A 146 25.17 -2.99 -9.38
CA ARG A 146 24.30 -2.05 -10.08
C ARG A 146 25.11 -0.93 -10.72
N GLU A 147 26.06 -0.36 -9.98
CA GLU A 147 26.84 0.75 -10.51
C GLU A 147 27.62 0.35 -11.75
N PHE A 148 28.19 -0.86 -11.75
CA PHE A 148 28.94 -1.32 -12.92
C PHE A 148 28.08 -1.30 -14.18
N LEU A 149 26.85 -1.82 -14.08
CA LEU A 149 25.96 -1.81 -15.22
C LEU A 149 25.63 -0.39 -15.66
N LYS A 150 25.58 0.57 -14.72
CA LYS A 150 25.33 1.95 -15.09
C LYS A 150 26.54 2.57 -15.79
N SER A 151 27.74 2.06 -15.52
CA SER A 151 28.95 2.63 -16.12
C SER A 151 29.16 2.20 -17.56
N LEU A 152 28.49 1.14 -18.01
CA LEU A 152 28.61 0.72 -19.39
C LEU A 152 28.20 1.85 -20.33
N ARG A 153 28.68 1.77 -21.57
CA ARG A 153 28.37 2.81 -22.55
C ARG A 153 26.94 2.71 -23.02
N LYS A 154 26.36 3.86 -23.38
CA LYS A 154 25.02 3.85 -23.93
C LYS A 154 25.00 3.06 -25.23
N PRO A 155 23.86 2.45 -25.58
CA PRO A 155 22.66 2.49 -24.73
C PRO A 155 22.59 1.32 -23.74
N PHE A 156 23.62 0.48 -23.73
CA PHE A 156 23.60 -0.71 -22.89
C PHE A 156 23.40 -0.37 -21.42
N CYS A 157 23.95 0.75 -20.96
CA CYS A 157 23.81 1.13 -19.56
C CYS A 157 22.37 1.44 -19.17
N ASP A 158 21.46 1.57 -20.15
CA ASP A 158 20.06 1.85 -19.89
C ASP A 158 19.21 0.58 -19.87
N ILE A 159 19.83 -0.59 -19.91
CA ILE A 159 19.08 -1.85 -20.02
C ILE A 159 18.53 -2.26 -18.66
N MET A 160 19.42 -2.44 -17.68
CA MET A 160 19.02 -3.03 -16.41
C MET A 160 18.52 -2.01 -15.39
N GLU A 161 18.99 -0.77 -15.45
CA GLU A 161 18.62 0.23 -14.45
C GLU A 161 17.12 0.29 -14.21
N PRO A 162 16.27 0.39 -15.23
CA PRO A 162 14.82 0.37 -14.95
C PRO A 162 14.36 -0.89 -14.23
N LYS A 163 14.99 -2.04 -14.53
CA LYS A 163 14.64 -3.26 -13.81
C LYS A 163 15.04 -3.17 -12.36
N PHE A 164 16.20 -2.56 -12.07
CA PHE A 164 16.56 -2.29 -10.67
C PHE A 164 15.52 -1.42 -9.99
N ASP A 165 15.11 -0.34 -10.66
CA ASP A 165 14.12 0.56 -10.06
C ASP A 165 12.82 -0.18 -9.76
N PHE A 166 12.38 -1.03 -10.69
CA PHE A 166 11.15 -1.78 -10.45
C PHE A 166 11.32 -2.79 -9.33
N ALA A 167 12.45 -3.52 -9.32
CA ALA A 167 12.66 -4.54 -8.29
C ALA A 167 12.66 -3.93 -6.90
N MET A 168 13.24 -2.74 -6.73
CA MET A 168 13.28 -2.13 -5.41
C MET A 168 11.88 -1.85 -4.90
N LYS A 169 11.04 -1.21 -5.72
CA LYS A 169 9.66 -0.96 -5.30
C LYS A 169 8.88 -2.26 -5.17
N PHE A 170 9.12 -3.22 -6.08
CA PHE A 170 8.41 -4.48 -6.02
C PHE A 170 8.79 -5.27 -4.76
N ASN A 171 10.08 -5.35 -4.46
CA ASN A 171 10.53 -6.05 -3.26
C ASN A 171 10.00 -5.41 -1.98
N ALA A 172 9.64 -4.12 -2.03
CA ALA A 172 9.09 -3.48 -0.84
C ALA A 172 7.79 -4.12 -0.39
N LEU A 173 7.06 -4.79 -1.30
CA LEU A 173 5.86 -5.50 -0.91
C LEU A 173 6.15 -6.74 -0.09
N GLU A 174 7.40 -7.22 -0.10
CA GLU A 174 7.84 -8.35 0.73
C GLU A 174 7.04 -9.61 0.45
N LEU A 175 6.99 -10.00 -0.82
CA LEU A 175 6.33 -11.23 -1.23
C LEU A 175 7.28 -12.40 -1.12
N ASP A 176 6.73 -13.59 -0.90
CA ASP A 176 7.51 -14.82 -0.92
C ASP A 176 7.16 -15.62 -2.18
N ASP A 177 7.92 -16.69 -2.41
CA ASP A 177 7.66 -17.53 -3.57
C ASP A 177 6.21 -18.00 -3.60
N SER A 178 5.59 -18.17 -2.43
CA SER A 178 4.17 -18.52 -2.42
C SER A 178 3.35 -17.49 -3.20
N ASP A 179 3.63 -16.21 -2.99
CA ASP A 179 2.86 -15.16 -3.67
C ASP A 179 3.33 -15.00 -5.11
N ILE A 180 4.65 -14.95 -5.32
CA ILE A 180 5.18 -14.71 -6.66
C ILE A 180 4.70 -15.77 -7.64
N SER A 181 4.60 -17.02 -7.19
CA SER A 181 4.15 -18.10 -8.07
C SER A 181 2.78 -17.77 -8.66
N LEU A 182 1.80 -17.51 -7.79
CA LEU A 182 0.49 -17.13 -8.28
C LEU A 182 0.55 -15.86 -9.12
N PHE A 183 1.32 -14.87 -8.68
CA PHE A 183 1.47 -13.63 -9.44
C PHE A 183 1.92 -13.92 -10.87
N VAL A 184 2.91 -14.80 -11.04
CA VAL A 184 3.39 -15.12 -12.37
C VAL A 184 2.32 -15.87 -13.16
N ALA A 185 1.54 -16.73 -12.49
CA ALA A 185 0.48 -17.44 -13.18
C ALA A 185 -0.55 -16.47 -13.76
N ALA A 186 -0.90 -15.43 -13.00
CA ALA A 186 -1.87 -14.45 -13.49
C ALA A 186 -1.31 -13.65 -14.66
N ILE A 187 0.00 -13.41 -14.67
CA ILE A 187 0.61 -12.67 -15.77
C ILE A 187 0.46 -13.42 -17.09
N ILE A 188 0.61 -14.75 -17.04
CA ILE A 188 0.52 -15.54 -18.26
C ILE A 188 -0.94 -15.65 -18.71
N CYS A 189 -1.86 -15.82 -17.77
CA CYS A 189 -3.27 -16.04 -18.09
C CYS A 189 -4.01 -14.71 -18.28
N CYS A 190 -3.51 -13.90 -19.22
CA CYS A 190 -4.09 -12.59 -19.50
C CYS A 190 -4.87 -12.66 -20.80
N GLY A 191 -6.19 -12.49 -20.70
CA GLY A 191 -7.08 -12.53 -21.84
C GLY A 191 -7.04 -11.34 -22.76
N ASP A 192 -6.15 -10.39 -22.50
CA ASP A 192 -6.02 -9.18 -23.30
C ASP A 192 -4.98 -9.30 -24.40
N ARG A 193 -4.25 -10.40 -24.47
CA ARG A 193 -3.12 -10.49 -25.38
C ARG A 193 -3.58 -10.37 -26.83
N PRO A 194 -2.93 -9.55 -27.65
CA PRO A 194 -3.31 -9.44 -29.06
C PRO A 194 -3.10 -10.77 -29.78
N GLY A 195 -4.14 -11.23 -30.46
CA GLY A 195 -4.08 -12.46 -31.23
C GLY A 195 -4.73 -13.66 -30.59
N LEU A 196 -5.33 -13.50 -29.42
CA LEU A 196 -5.98 -14.63 -28.76
C LEU A 196 -7.24 -15.02 -29.52
N LEU A 197 -7.51 -16.33 -29.59
CA LEU A 197 -8.68 -16.83 -30.30
C LEU A 197 -9.85 -17.05 -29.35
N ASN A 198 -9.69 -17.94 -28.38
CA ASN A 198 -10.74 -18.23 -27.40
C ASN A 198 -10.55 -17.34 -26.18
N VAL A 199 -10.92 -16.06 -26.34
CA VAL A 199 -10.79 -15.10 -25.25
C VAL A 199 -11.66 -15.49 -24.07
N GLY A 200 -12.81 -16.10 -24.33
CA GLY A 200 -13.71 -16.46 -23.24
C GLY A 200 -13.10 -17.47 -22.29
N HIS A 201 -12.55 -18.55 -22.83
CA HIS A 201 -11.94 -19.57 -21.99
C HIS A 201 -10.80 -18.99 -21.16
N ILE A 202 -9.88 -18.27 -21.82
CA ILE A 202 -8.73 -17.72 -21.11
C ILE A 202 -9.17 -16.79 -19.99
N GLU A 203 -10.14 -15.92 -20.27
CA GLU A 203 -10.63 -15.01 -19.25
C GLU A 203 -11.18 -15.79 -18.06
N LYS A 204 -12.01 -16.81 -18.31
CA LYS A 204 -12.46 -17.66 -17.22
C LYS A 204 -11.29 -18.28 -16.49
N MET A 205 -10.26 -18.70 -17.22
CA MET A 205 -9.08 -19.26 -16.59
C MET A 205 -8.34 -18.22 -15.76
N GLN A 206 -8.34 -16.96 -16.21
CA GLN A 206 -7.68 -15.90 -15.44
C GLN A 206 -8.46 -15.57 -14.17
N GLU A 207 -9.78 -15.41 -14.30
CA GLU A 207 -10.61 -15.11 -13.14
C GLU A 207 -10.37 -16.09 -12.00
N GLY A 208 -10.09 -17.35 -12.33
CA GLY A 208 -9.80 -18.32 -11.29
C GLY A 208 -8.45 -18.08 -10.63
N ILE A 209 -7.42 -17.87 -11.45
CA ILE A 209 -6.09 -17.60 -10.89
C ILE A 209 -6.10 -16.34 -10.04
N VAL A 210 -6.64 -15.25 -10.59
CA VAL A 210 -6.68 -13.99 -9.85
C VAL A 210 -7.48 -14.13 -8.57
N HIS A 211 -8.50 -14.99 -8.57
CA HIS A 211 -9.29 -15.19 -7.37
C HIS A 211 -8.47 -15.87 -6.28
N VAL A 212 -7.78 -16.97 -6.63
CA VAL A 212 -6.93 -17.66 -5.67
C VAL A 212 -5.84 -16.72 -5.16
N LEU A 213 -5.33 -15.84 -6.03
CA LEU A 213 -4.30 -14.91 -5.61
C LEU A 213 -4.83 -13.92 -4.58
N ARG A 214 -6.02 -13.36 -4.83
CA ARG A 214 -6.59 -12.40 -3.89
C ARG A 214 -6.82 -13.03 -2.53
N LEU A 215 -7.32 -14.26 -2.50
CA LEU A 215 -7.52 -14.95 -1.22
C LEU A 215 -6.18 -15.28 -0.57
N HIS A 216 -5.23 -15.80 -1.36
CA HIS A 216 -3.92 -16.13 -0.82
C HIS A 216 -3.26 -14.91 -0.20
N LEU A 217 -3.32 -13.76 -0.89
CA LEU A 217 -2.70 -12.55 -0.35
C LEU A 217 -3.35 -12.13 0.97
N GLN A 218 -4.68 -12.24 1.06
CA GLN A 218 -5.35 -11.93 2.32
C GLN A 218 -4.94 -12.91 3.41
N SER A 219 -4.79 -14.19 3.06
CA SER A 219 -4.40 -15.19 4.05
C SER A 219 -2.94 -15.05 4.43
N ASN A 220 -2.07 -14.78 3.45
CA ASN A 220 -0.63 -14.76 3.69
C ASN A 220 -0.12 -13.41 4.17
N HIS A 221 -0.84 -12.32 3.88
CA HIS A 221 -0.44 -10.97 4.27
C HIS A 221 -1.66 -10.21 4.78
N PRO A 222 -2.22 -10.63 5.91
CA PRO A 222 -3.47 -9.99 6.38
C PRO A 222 -3.28 -8.56 6.84
N ASP A 223 -2.09 -8.18 7.28
CA ASP A 223 -1.84 -6.82 7.73
C ASP A 223 -1.57 -5.85 6.59
N ASP A 224 -1.50 -6.32 5.36
CA ASP A 224 -1.37 -5.47 4.17
C ASP A 224 -2.71 -5.55 3.44
N ILE A 225 -3.61 -4.63 3.78
CA ILE A 225 -5.01 -4.76 3.37
C ILE A 225 -5.14 -4.67 1.84
N PHE A 226 -4.43 -3.74 1.22
CA PHE A 226 -4.55 -3.52 -0.22
C PHE A 226 -3.38 -4.10 -1.01
N LEU A 227 -2.77 -5.17 -0.50
CA LEU A 227 -1.67 -5.80 -1.23
C LEU A 227 -2.11 -6.23 -2.62
N PHE A 228 -3.32 -6.81 -2.73
CA PHE A 228 -3.81 -7.23 -4.03
C PHE A 228 -3.95 -6.07 -5.00
N PRO A 229 -4.61 -4.97 -4.66
CA PRO A 229 -4.62 -3.81 -5.57
C PRO A 229 -3.23 -3.34 -5.95
N LYS A 230 -2.30 -3.32 -4.99
CA LYS A 230 -0.93 -2.94 -5.29
C LYS A 230 -0.35 -3.82 -6.40
N LEU A 231 -0.59 -5.13 -6.32
CA LEU A 231 -0.07 -6.04 -7.34
C LEU A 231 -0.67 -5.75 -8.70
N LEU A 232 -2.00 -5.59 -8.75
CA LEU A 232 -2.65 -5.23 -10.01
C LEU A 232 -1.96 -4.04 -10.66
N GLN A 233 -1.64 -3.02 -9.87
CA GLN A 233 -0.86 -1.90 -10.39
C GLN A 233 0.53 -2.34 -10.80
N LYS A 234 1.09 -3.37 -10.13
CA LYS A 234 2.41 -3.85 -10.52
C LYS A 234 2.37 -4.56 -11.87
N MET A 235 1.29 -5.28 -12.15
CA MET A 235 1.13 -5.86 -13.48
C MET A 235 1.14 -4.77 -14.55
N ALA A 236 0.42 -3.67 -14.32
CA ALA A 236 0.43 -2.57 -15.27
C ALA A 236 1.82 -1.99 -15.44
N ASP A 237 2.55 -1.81 -14.33
CA ASP A 237 3.91 -1.30 -14.41
C ASP A 237 4.81 -2.24 -15.20
N LEU A 238 4.67 -3.55 -14.98
CA LEU A 238 5.47 -4.52 -15.73
C LEU A 238 5.17 -4.43 -17.22
N ARG A 239 3.88 -4.43 -17.58
CA ARG A 239 3.50 -4.30 -18.99
C ARG A 239 4.18 -3.08 -19.62
N GLN A 240 4.09 -1.94 -18.94
CA GLN A 240 4.79 -0.74 -19.42
C GLN A 240 6.29 -0.96 -19.46
N LEU A 241 6.84 -1.59 -18.43
CA LEU A 241 8.28 -1.82 -18.38
C LEU A 241 8.75 -2.68 -19.55
N VAL A 242 7.95 -3.67 -19.93
CA VAL A 242 8.31 -4.52 -21.06
C VAL A 242 8.24 -3.74 -22.37
N THR A 243 7.16 -2.95 -22.55
CA THR A 243 7.06 -2.09 -23.72
C THR A 243 8.30 -1.22 -23.87
N GLU A 244 8.69 -0.52 -22.81
CA GLU A 244 9.90 0.29 -22.85
C GLU A 244 11.12 -0.56 -23.14
N HIS A 245 11.14 -1.80 -22.65
CA HIS A 245 12.28 -2.68 -22.91
C HIS A 245 12.33 -3.08 -24.38
N ALA A 246 11.18 -3.48 -24.94
CA ALA A 246 11.15 -3.85 -26.35
C ALA A 246 11.55 -2.69 -27.25
N GLN A 247 11.18 -1.46 -26.87
CA GLN A 247 11.59 -0.31 -27.65
C GLN A 247 13.09 -0.13 -27.64
N LEU A 248 13.72 -0.33 -26.49
CA LEU A 248 15.17 -0.18 -26.39
C LEU A 248 15.93 -1.30 -27.08
N VAL A 249 15.31 -2.47 -27.25
CA VAL A 249 15.98 -3.57 -27.94
C VAL A 249 16.01 -3.30 -29.44
N GLN A 250 14.86 -2.93 -30.02
CA GLN A 250 14.85 -2.58 -31.44
C GLN A 250 15.84 -1.46 -31.73
N ILE A 251 16.01 -0.52 -30.80
CA ILE A 251 17.01 0.52 -30.97
C ILE A 251 18.42 -0.06 -30.96
N ILE A 252 18.63 -1.14 -30.19
CA ILE A 252 19.96 -1.73 -30.09
C ILE A 252 20.24 -2.66 -31.26
N LYS A 253 19.25 -3.45 -31.65
CA LYS A 253 19.45 -4.41 -32.74
C LYS A 253 19.77 -3.71 -34.05
N LYS A 254 19.25 -2.50 -34.26
CA LYS A 254 19.44 -1.81 -35.53
C LYS A 254 20.68 -0.93 -35.53
N THR A 255 20.90 -0.17 -34.46
CA THR A 255 22.03 0.73 -34.35
C THR A 255 23.26 0.05 -33.73
N GLU A 256 23.33 -1.28 -33.77
CA GLU A 256 24.48 -2.03 -33.23
C GLU A 256 24.59 -3.31 -34.06
N SER A 257 25.25 -3.20 -35.20
CA SER A 257 25.43 -4.35 -36.09
C SER A 257 26.26 -5.46 -35.45
N ASP A 258 26.74 -5.28 -34.22
CA ASP A 258 27.61 -6.26 -33.58
C ASP A 258 26.87 -7.13 -32.57
N ALA A 259 25.68 -6.73 -32.14
CA ALA A 259 24.91 -7.43 -31.12
C ALA A 259 23.77 -8.18 -31.81
N ALA A 260 24.02 -9.44 -32.15
CA ALA A 260 22.99 -10.25 -32.77
C ALA A 260 21.86 -10.53 -31.79
N LEU A 261 20.75 -11.05 -32.32
CA LEU A 261 19.58 -11.37 -31.52
C LEU A 261 19.34 -12.87 -31.59
N HIS A 262 19.09 -13.49 -30.44
CA HIS A 262 18.94 -14.94 -30.40
C HIS A 262 17.70 -15.35 -31.20
N PRO A 263 17.77 -16.48 -31.91
CA PRO A 263 16.61 -16.88 -32.74
C PRO A 263 15.32 -17.05 -31.96
N LEU A 264 15.37 -17.73 -30.81
CA LEU A 264 14.15 -17.92 -30.03
C LEU A 264 13.58 -16.59 -29.57
N LEU A 265 14.45 -15.67 -29.13
CA LEU A 265 13.97 -14.37 -28.68
C LEU A 265 13.51 -13.49 -29.83
N GLN A 266 14.08 -13.70 -31.02
CA GLN A 266 13.64 -12.94 -32.20
C GLN A 266 12.14 -13.13 -32.44
N GLU A 267 11.65 -14.35 -32.26
CA GLU A 267 10.21 -14.60 -32.43
C GLU A 267 9.39 -13.81 -31.43
N ILE A 268 9.80 -13.84 -30.16
CA ILE A 268 9.05 -13.14 -29.13
C ILE A 268 9.00 -11.64 -29.41
N TYR A 269 10.16 -11.03 -29.65
CA TYR A 269 10.20 -9.61 -29.94
C TYR A 269 9.57 -9.27 -31.28
N ARG A 270 9.46 -10.23 -32.19
CA ARG A 270 8.93 -9.97 -33.52
C ARG A 270 7.45 -9.59 -33.43
N ASP A 271 7.10 -8.43 -33.98
CA ASP A 271 5.71 -7.97 -34.00
C ASP A 271 5.07 -8.03 -32.62
N MET A 272 5.87 -7.81 -31.58
CA MET A 272 5.33 -7.80 -30.23
C MET A 272 4.26 -6.71 -30.07
N TYR A 273 4.65 -5.46 -30.27
CA TYR A 273 3.71 -4.34 -30.24
C TYR A 273 3.87 -3.48 -31.49
N MET B 4 5.21 21.03 36.93
CA MET B 4 4.58 19.72 36.93
C MET B 4 4.96 18.91 38.17
N THR B 5 3.96 18.55 38.96
CA THR B 5 4.17 17.76 40.16
C THR B 5 4.11 16.27 39.79
N ALA B 6 3.99 15.40 40.80
CA ALA B 6 3.96 13.97 40.55
C ALA B 6 2.55 13.49 40.17
N ASP B 7 1.54 13.94 40.92
CA ASP B 7 0.17 13.54 40.61
C ASP B 7 -0.30 14.14 39.30
N LEU B 8 0.26 15.27 38.88
CA LEU B 8 -0.10 15.85 37.59
C LEU B 8 0.51 15.05 36.45
N LYS B 9 1.79 14.70 36.55
CA LYS B 9 2.42 13.88 35.52
C LYS B 9 1.75 12.52 35.43
N SER B 10 1.34 11.96 36.57
CA SER B 10 0.70 10.65 36.55
C SER B 10 -0.63 10.70 35.78
N LEU B 11 -1.43 11.74 36.00
CA LEU B 11 -2.69 11.86 35.28
C LEU B 11 -2.45 11.99 33.79
N ALA B 12 -1.48 12.82 33.39
CA ALA B 12 -1.16 12.96 31.98
C ALA B 12 -0.74 11.63 31.36
N LYS B 13 0.20 10.93 32.01
CA LYS B 13 0.60 9.62 31.52
C LYS B 13 -0.58 8.65 31.53
N ARG B 14 -1.43 8.75 32.54
CA ARG B 14 -2.62 7.92 32.59
C ARG B 14 -3.48 8.13 31.35
N ILE B 15 -3.91 9.37 31.11
CA ILE B 15 -4.68 9.68 29.92
C ILE B 15 -3.92 9.28 28.66
N TYR B 16 -2.64 9.61 28.60
CA TYR B 16 -1.85 9.32 27.40
C TYR B 16 -1.82 7.82 27.11
N GLU B 17 -1.69 7.00 28.15
CA GLU B 17 -1.66 5.55 27.93
C GLU B 17 -3.04 5.02 27.55
N ALA B 18 -4.10 5.53 28.20
CA ALA B 18 -5.45 5.16 27.80
C ALA B 18 -5.73 5.57 26.36
N TYR B 19 -5.11 6.67 25.91
CA TYR B 19 -5.24 7.09 24.52
C TYR B 19 -4.59 6.08 23.58
N LEU B 20 -3.34 5.71 23.87
CA LEU B 20 -2.63 4.76 23.00
C LEU B 20 -3.34 3.41 22.94
N LYS B 21 -4.09 3.06 23.98
CA LYS B 21 -4.70 1.73 24.05
C LYS B 21 -6.05 1.67 23.35
N ASN B 22 -6.81 2.75 23.33
CA ASN B 22 -8.16 2.73 22.77
C ASN B 22 -8.22 3.15 21.30
N PHE B 23 -7.15 3.71 20.75
CA PHE B 23 -7.13 4.17 19.36
C PHE B 23 -6.00 3.46 18.62
N ASN B 24 -6.37 2.61 17.67
CA ASN B 24 -5.36 1.88 16.91
C ASN B 24 -4.40 2.82 16.21
N MET B 25 -4.93 3.82 15.51
CA MET B 25 -4.10 4.77 14.77
C MET B 25 -3.78 5.97 15.64
N ASN B 26 -2.50 6.35 15.67
CA ASN B 26 -2.05 7.50 16.44
C ASN B 26 -1.09 8.32 15.60
N LYS B 27 -0.80 9.54 16.07
CA LYS B 27 -0.04 10.47 15.27
C LYS B 27 1.37 9.97 14.96
N VAL B 28 1.98 9.23 15.88
CA VAL B 28 3.35 8.79 15.65
C VAL B 28 3.39 7.72 14.57
N LYS B 29 2.48 6.74 14.64
CA LYS B 29 2.42 5.74 13.58
C LYS B 29 2.02 6.36 12.25
N ALA B 30 1.13 7.36 12.28
CA ALA B 30 0.65 7.96 11.04
C ALA B 30 1.74 8.82 10.40
N ARG B 31 2.54 9.52 11.21
CA ARG B 31 3.60 10.34 10.64
C ARG B 31 4.70 9.49 10.02
N VAL B 32 4.95 8.30 10.57
CA VAL B 32 5.93 7.40 9.96
C VAL B 32 5.47 6.96 8.58
N ILE B 33 4.23 6.48 8.49
CA ILE B 33 3.69 6.02 7.21
C ILE B 33 3.80 7.13 6.16
N LEU B 34 3.24 8.31 6.48
CA LEU B 34 3.27 9.41 5.53
C LEU B 34 4.69 9.80 5.16
N SER B 35 5.63 9.71 6.09
CA SER B 35 7.00 10.10 5.82
C SER B 35 7.70 9.09 4.91
N GLY B 36 7.34 7.80 5.01
CA GLY B 36 8.00 6.79 4.23
C GLY B 36 9.45 6.55 4.60
N LYS B 37 9.86 6.98 5.80
CA LYS B 37 11.24 6.82 6.25
C LYS B 37 11.48 5.51 6.98
N ALA B 38 10.43 4.79 7.37
CA ALA B 38 10.57 3.51 8.05
C ALA B 38 10.26 2.31 7.17
N SER B 39 9.50 2.50 6.09
CA SER B 39 9.16 1.41 5.19
C SER B 39 9.02 1.96 3.78
N ASN B 40 9.48 1.18 2.80
CA ASN B 40 9.35 1.55 1.40
C ASN B 40 8.10 0.94 0.76
N ASN B 41 7.20 0.38 1.56
CA ASN B 41 5.94 -0.16 1.06
C ASN B 41 4.81 0.82 1.37
N PRO B 42 4.64 1.86 0.57
CA PRO B 42 3.65 2.89 0.89
C PRO B 42 2.24 2.36 0.76
N PRO B 43 1.25 3.09 1.27
CA PRO B 43 -0.14 2.63 1.15
C PRO B 43 -0.67 2.80 -0.26
N PHE B 44 -1.73 2.04 -0.55
CA PHE B 44 -2.36 2.12 -1.86
C PHE B 44 -3.02 3.49 -2.03
N VAL B 45 -2.61 4.21 -3.06
CA VAL B 45 -3.07 5.58 -3.29
C VAL B 45 -4.38 5.54 -4.05
N ILE B 46 -5.41 6.17 -3.47
CA ILE B 46 -6.72 6.29 -4.10
C ILE B 46 -6.86 7.72 -4.58
N HIS B 47 -6.72 7.93 -5.90
CA HIS B 47 -6.70 9.26 -6.46
C HIS B 47 -7.71 9.47 -7.58
N ASP B 48 -8.55 8.49 -7.88
CA ASP B 48 -9.55 8.62 -8.93
C ASP B 48 -10.53 7.46 -8.80
N MET B 49 -11.49 7.40 -9.72
CA MET B 49 -12.53 6.39 -9.65
C MET B 49 -11.98 4.99 -9.90
N GLU B 50 -10.97 4.84 -10.75
CA GLU B 50 -10.41 3.52 -11.02
C GLU B 50 -9.75 2.96 -9.76
N THR B 51 -8.88 3.74 -9.12
CA THR B 51 -8.22 3.27 -7.91
C THR B 51 -9.21 3.02 -6.79
N LEU B 52 -10.29 3.81 -6.72
CA LEU B 52 -11.30 3.58 -5.70
C LEU B 52 -11.98 2.22 -5.87
N CYS B 53 -12.15 1.78 -7.11
CA CYS B 53 -12.76 0.48 -7.34
C CYS B 53 -11.79 -0.66 -7.08
N MET B 54 -10.53 -0.50 -7.50
CA MET B 54 -9.51 -1.50 -7.18
C MET B 54 -9.43 -1.74 -5.67
N ALA B 55 -9.34 -0.67 -4.89
CA ALA B 55 -9.30 -0.80 -3.45
C ALA B 55 -10.58 -1.43 -2.92
N GLU B 56 -11.70 -1.26 -3.63
CA GLU B 56 -12.95 -1.88 -3.23
C GLU B 56 -12.99 -3.36 -3.58
N LYS B 57 -12.14 -3.82 -4.50
CA LYS B 57 -12.00 -5.26 -4.70
C LYS B 57 -11.59 -5.96 -3.42
N THR B 58 -10.82 -5.28 -2.56
CA THR B 58 -10.38 -5.86 -1.31
C THR B 58 -11.55 -6.01 -0.34
N LEU B 59 -12.37 -4.97 -0.21
CA LEU B 59 -13.49 -4.97 0.74
C LEU B 59 -14.81 -5.33 0.06
N VAL B 60 -14.79 -6.23 -0.93
CA VAL B 60 -16.02 -6.70 -1.53
C VAL B 60 -16.86 -7.49 -0.52
N ALA B 61 -16.23 -7.96 0.56
CA ALA B 61 -16.98 -8.63 1.61
C ALA B 61 -17.97 -7.69 2.28
N LYS B 62 -17.57 -6.44 2.49
CA LYS B 62 -18.45 -5.44 3.09
C LYS B 62 -19.30 -4.71 2.07
N LEU B 63 -18.80 -4.54 0.84
CA LEU B 63 -19.58 -3.84 -0.18
C LEU B 63 -20.87 -4.57 -0.49
N VAL B 64 -20.82 -5.90 -0.59
CA VAL B 64 -22.01 -6.69 -0.87
C VAL B 64 -22.46 -7.35 0.43
N ALA B 65 -22.68 -6.54 1.47
CA ALA B 65 -23.16 -7.03 2.75
C ALA B 65 -24.08 -5.99 3.39
N ASN B 66 -23.71 -4.72 3.26
CA ASN B 66 -24.54 -3.61 3.70
C ASN B 66 -25.38 -3.03 2.58
N GLY B 67 -25.25 -3.55 1.36
CA GLY B 67 -26.10 -3.16 0.25
C GLY B 67 -25.76 -1.83 -0.38
N ILE B 68 -24.59 -1.73 -1.02
CA ILE B 68 -24.17 -0.50 -1.68
C ILE B 68 -23.24 -0.83 -2.84
N GLN B 69 -23.13 -2.11 -3.19
CA GLN B 69 -22.18 -2.52 -4.22
C GLN B 69 -22.47 -1.84 -5.56
N ASN B 70 -23.75 -1.58 -5.86
CA ASN B 70 -24.13 -0.94 -7.10
C ASN B 70 -24.53 0.52 -6.92
N LYS B 71 -24.38 1.06 -5.71
CA LYS B 71 -24.66 2.47 -5.47
C LYS B 71 -23.69 3.36 -6.24
N GLU B 72 -23.82 4.68 -6.06
CA GLU B 72 -22.90 5.61 -6.69
C GLU B 72 -21.63 5.72 -5.87
N ALA B 73 -20.53 6.07 -6.54
CA ALA B 73 -19.23 6.14 -5.86
C ALA B 73 -19.30 7.09 -4.67
N GLU B 74 -19.98 8.22 -4.81
CA GLU B 74 -20.07 9.16 -3.70
C GLU B 74 -20.78 8.54 -2.50
N VAL B 75 -21.64 7.55 -2.73
CA VAL B 75 -22.36 6.93 -1.62
C VAL B 75 -21.53 5.82 -0.98
N ARG B 76 -20.74 5.09 -1.77
CA ARG B 76 -19.89 4.05 -1.20
C ARG B 76 -18.84 4.65 -0.27
N ILE B 77 -18.30 5.83 -0.63
CA ILE B 77 -17.38 6.53 0.26
C ILE B 77 -18.12 7.06 1.47
N PHE B 78 -19.29 7.68 1.24
CA PHE B 78 -20.08 8.22 2.34
C PHE B 78 -20.44 7.14 3.35
N HIS B 79 -20.57 5.89 2.92
CA HIS B 79 -20.95 4.82 3.82
C HIS B 79 -19.75 4.27 4.59
N CYS B 80 -18.64 4.01 3.89
CA CYS B 80 -17.45 3.53 4.58
C CYS B 80 -17.02 4.52 5.66
N CYS B 81 -17.18 5.82 5.42
CA CYS B 81 -16.83 6.81 6.42
C CYS B 81 -17.74 6.76 7.63
N GLN B 82 -18.98 6.28 7.46
CA GLN B 82 -19.85 6.13 8.61
C GLN B 82 -19.42 4.96 9.49
N CYS B 83 -18.92 3.89 8.87
CA CYS B 83 -18.35 2.79 9.65
C CYS B 83 -17.20 3.28 10.51
N THR B 84 -16.29 4.05 9.91
CA THR B 84 -15.17 4.59 10.67
C THR B 84 -15.65 5.47 11.82
N SER B 85 -16.67 6.29 11.57
CA SER B 85 -17.19 7.15 12.64
C SER B 85 -17.78 6.32 13.78
N VAL B 86 -18.41 5.18 13.46
CA VAL B 86 -19.01 4.34 14.49
C VAL B 86 -17.93 3.78 15.39
N GLU B 87 -16.92 3.13 14.80
CA GLU B 87 -15.83 2.59 15.61
C GLU B 87 -15.14 3.68 16.41
N THR B 88 -14.91 4.84 15.81
CA THR B 88 -14.25 5.93 16.52
C THR B 88 -15.10 6.39 17.70
N VAL B 89 -16.43 6.39 17.54
CA VAL B 89 -17.30 6.72 18.66
C VAL B 89 -17.19 5.66 19.76
N THR B 90 -17.10 4.39 19.37
CA THR B 90 -16.94 3.32 20.35
C THR B 90 -15.63 3.47 21.11
N GLU B 91 -14.52 3.67 20.39
CA GLU B 91 -13.24 3.84 21.05
C GLU B 91 -13.26 5.05 22.00
N LEU B 92 -13.89 6.15 21.57
CA LEU B 92 -13.99 7.32 22.44
C LEU B 92 -14.79 7.00 23.69
N THR B 93 -15.82 6.14 23.58
CA THR B 93 -16.59 5.77 24.77
C THR B 93 -15.72 5.04 25.77
N GLU B 94 -14.93 4.06 25.30
CA GLU B 94 -14.05 3.34 26.20
C GLU B 94 -12.94 4.23 26.74
N PHE B 95 -12.42 5.13 25.90
CA PHE B 95 -11.37 6.04 26.35
C PHE B 95 -11.87 6.96 27.46
N ALA B 96 -13.14 7.39 27.37
CA ALA B 96 -13.68 8.30 28.38
C ALA B 96 -13.71 7.66 29.76
N LYS B 97 -13.62 6.33 29.85
CA LYS B 97 -13.64 5.68 31.16
C LYS B 97 -12.41 6.06 31.98
N ALA B 98 -11.25 6.14 31.35
CA ALA B 98 -10.01 6.47 32.05
C ALA B 98 -10.00 7.89 32.61
N ILE B 99 -10.92 8.75 32.18
CA ILE B 99 -10.94 10.13 32.69
C ILE B 99 -11.38 10.11 34.14
N PRO B 100 -10.75 10.89 35.02
CA PRO B 100 -11.17 10.89 36.43
C PRO B 100 -12.57 11.45 36.58
N GLY B 101 -13.39 10.72 37.34
CA GLY B 101 -14.75 11.15 37.63
C GLY B 101 -15.74 10.97 36.50
N PHE B 102 -15.29 10.59 35.31
CA PHE B 102 -16.24 10.39 34.21
C PHE B 102 -17.14 9.20 34.47
N ALA B 103 -16.58 8.10 34.96
CA ALA B 103 -17.40 6.93 35.29
C ALA B 103 -18.39 7.26 36.40
N ASN B 104 -17.93 7.93 37.45
CA ASN B 104 -18.77 8.36 38.56
C ASN B 104 -19.65 9.55 38.20
N LEU B 105 -19.78 9.87 36.92
CA LEU B 105 -20.48 11.08 36.53
C LEU B 105 -21.99 10.89 36.57
N ASP B 106 -22.49 9.84 35.92
CA ASP B 106 -23.93 9.64 35.83
C ASP B 106 -24.26 8.45 34.92
N LEU B 107 -24.76 8.74 33.73
CA LEU B 107 -25.09 7.74 32.73
C LEU B 107 -25.85 8.42 31.61
N ASN B 108 -26.73 9.35 31.97
CA ASN B 108 -27.32 10.25 30.98
C ASN B 108 -26.40 11.43 30.70
N ASP B 109 -25.62 11.86 31.70
CA ASP B 109 -24.62 12.89 31.46
C ASP B 109 -23.40 12.33 30.76
N GLN B 110 -23.00 11.09 31.08
CA GLN B 110 -21.97 10.43 30.30
C GLN B 110 -22.36 10.34 28.84
N VAL B 111 -23.65 10.15 28.56
CA VAL B 111 -24.12 10.14 27.18
C VAL B 111 -24.16 11.55 26.61
N THR B 112 -24.49 12.55 27.43
CA THR B 112 -24.55 13.93 26.95
C THR B 112 -23.16 14.41 26.53
N LEU B 113 -22.16 14.22 27.40
CA LEU B 113 -20.80 14.61 27.05
C LEU B 113 -20.34 13.92 25.78
N LEU B 114 -20.53 12.60 25.70
CA LEU B 114 -20.24 11.86 24.48
C LEU B 114 -21.16 12.23 23.34
N LYS B 115 -22.26 12.92 23.61
CA LYS B 115 -23.18 13.34 22.55
C LYS B 115 -22.59 14.48 21.73
N TYR B 116 -22.21 15.56 22.41
CA TYR B 116 -21.67 16.75 21.75
C TYR B 116 -20.15 16.77 21.67
N GLY B 117 -19.50 15.68 22.08
CA GLY B 117 -18.04 15.69 22.14
C GLY B 117 -17.37 14.78 21.12
N VAL B 118 -18.03 13.70 20.73
CA VAL B 118 -17.39 12.72 19.86
C VAL B 118 -16.87 13.37 18.59
N TYR B 119 -17.76 14.03 17.84
CA TYR B 119 -17.36 14.54 16.53
C TYR B 119 -16.35 15.68 16.63
N GLU B 120 -16.31 16.41 17.75
CA GLU B 120 -15.25 17.39 17.93
C GLU B 120 -13.91 16.69 18.08
N ALA B 121 -13.83 15.66 18.92
CA ALA B 121 -12.60 14.91 19.07
C ALA B 121 -12.25 14.11 17.82
N ILE B 122 -13.26 13.67 17.07
CA ILE B 122 -13.01 12.93 15.84
C ILE B 122 -12.27 13.79 14.83
N PHE B 123 -12.79 15.01 14.59
CA PHE B 123 -12.13 15.90 13.64
C PHE B 123 -10.78 16.37 14.14
N ALA B 124 -10.61 16.50 15.46
CA ALA B 124 -9.30 16.82 16.01
C ALA B 124 -8.30 15.70 15.75
N MET B 125 -8.67 14.47 16.10
CA MET B 125 -7.76 13.34 15.85
C MET B 125 -7.62 13.06 14.37
N LEU B 126 -8.64 13.39 13.58
CA LEU B 126 -8.56 13.19 12.14
C LEU B 126 -7.38 13.94 11.53
N SER B 127 -6.92 15.01 12.19
CA SER B 127 -5.78 15.76 11.68
C SER B 127 -4.51 14.92 11.67
N SER B 128 -4.41 13.95 12.58
CA SER B 128 -3.18 13.16 12.70
C SER B 128 -2.90 12.37 11.42
N VAL B 129 -3.94 11.93 10.73
CA VAL B 129 -3.78 11.09 9.54
C VAL B 129 -3.88 11.93 8.25
N MET B 130 -3.74 13.24 8.35
CA MET B 130 -3.90 14.14 7.22
C MET B 130 -2.61 14.89 6.90
N ASN B 131 -2.34 15.09 5.61
CA ASN B 131 -1.37 16.06 5.13
C ASN B 131 -2.03 16.89 4.04
N LYS B 132 -1.27 17.83 3.47
CA LYS B 132 -1.85 18.75 2.50
C LYS B 132 -2.40 18.06 1.26
N ASP B 133 -2.05 16.79 1.02
CA ASP B 133 -2.43 16.12 -0.21
C ASP B 133 -3.40 14.97 -0.02
N GLY B 134 -3.76 14.62 1.21
CA GLY B 134 -4.69 13.53 1.43
C GLY B 134 -4.67 13.08 2.88
N MET B 135 -5.27 11.91 3.09
CA MET B 135 -5.39 11.36 4.44
C MET B 135 -5.34 9.84 4.38
N LEU B 136 -4.80 9.24 5.43
CA LEU B 136 -4.71 7.79 5.52
C LEU B 136 -6.07 7.17 5.83
N VAL B 137 -6.29 5.97 5.29
CA VAL B 137 -7.54 5.25 5.48
C VAL B 137 -7.21 3.78 5.73
N ALA B 138 -8.17 3.07 6.34
CA ALA B 138 -8.06 1.63 6.59
C ALA B 138 -6.79 1.32 7.38
N TYR B 139 -6.72 1.88 8.59
CA TYR B 139 -5.61 1.65 9.51
C TYR B 139 -4.27 1.89 8.82
N GLY B 140 -4.19 2.98 8.05
CA GLY B 140 -2.94 3.40 7.44
C GLY B 140 -2.52 2.60 6.23
N ASN B 141 -3.36 1.71 5.71
CA ASN B 141 -3.03 0.92 4.54
C ASN B 141 -3.33 1.63 3.23
N GLY B 142 -4.18 2.65 3.25
CA GLY B 142 -4.54 3.37 2.05
C GLY B 142 -4.40 4.87 2.25
N PHE B 143 -4.37 5.60 1.14
CA PHE B 143 -4.20 7.04 1.15
C PHE B 143 -5.10 7.64 0.08
N ILE B 144 -6.18 8.28 0.50
CA ILE B 144 -7.12 8.92 -0.42
C ILE B 144 -6.72 10.38 -0.57
N THR B 145 -6.61 10.84 -1.81
CA THR B 145 -6.05 12.15 -2.08
C THR B 145 -7.08 13.26 -1.84
N ARG B 146 -6.56 14.44 -1.46
CA ARG B 146 -7.43 15.57 -1.18
C ARG B 146 -8.16 16.03 -2.44
N GLU B 147 -7.47 16.05 -3.59
CA GLU B 147 -8.11 16.50 -4.82
C GLU B 147 -9.25 15.57 -5.23
N PHE B 148 -9.04 14.26 -5.12
CA PHE B 148 -10.09 13.33 -5.48
C PHE B 148 -11.38 13.62 -4.72
N LEU B 149 -11.27 13.88 -3.42
CA LEU B 149 -12.46 14.24 -2.64
C LEU B 149 -13.10 15.52 -3.17
N LYS B 150 -12.27 16.49 -3.55
CA LYS B 150 -12.81 17.73 -4.10
C LYS B 150 -13.48 17.53 -5.46
N SER B 151 -13.13 16.45 -6.17
CA SER B 151 -13.67 16.19 -7.50
C SER B 151 -15.04 15.50 -7.47
N LEU B 152 -15.44 14.95 -6.33
CA LEU B 152 -16.77 14.35 -6.23
C LEU B 152 -17.84 15.41 -6.46
N ARG B 153 -19.00 14.97 -6.96
CA ARG B 153 -20.11 15.88 -7.17
C ARG B 153 -20.60 16.43 -5.84
N LYS B 154 -21.23 17.60 -5.91
CA LYS B 154 -21.83 18.18 -4.72
C LYS B 154 -23.03 17.35 -4.27
N PRO B 155 -23.36 17.38 -2.97
CA PRO B 155 -22.63 18.13 -1.95
C PRO B 155 -21.50 17.34 -1.30
N PHE B 156 -21.23 16.14 -1.81
CA PHE B 156 -20.26 15.26 -1.14
C PHE B 156 -18.88 15.88 -1.11
N CYS B 157 -18.44 16.50 -2.20
CA CYS B 157 -17.13 17.13 -2.25
C CYS B 157 -16.96 18.25 -1.23
N ASP B 158 -17.96 18.56 -0.42
CA ASP B 158 -17.82 19.58 0.60
C ASP B 158 -17.71 19.01 2.01
N ILE B 159 -17.69 17.68 2.13
CA ILE B 159 -17.66 17.04 3.45
C ILE B 159 -16.28 17.17 4.08
N MET B 160 -15.25 16.68 3.38
CA MET B 160 -13.91 16.58 3.96
C MET B 160 -13.12 17.89 3.86
N GLU B 161 -13.19 18.58 2.72
CA GLU B 161 -12.36 19.77 2.50
C GLU B 161 -12.30 20.69 3.72
N PRO B 162 -13.40 21.09 4.34
CA PRO B 162 -13.29 21.87 5.59
C PRO B 162 -12.44 21.19 6.64
N LYS B 163 -12.46 19.85 6.71
CA LYS B 163 -11.65 19.16 7.69
C LYS B 163 -10.16 19.30 7.38
N PHE B 164 -9.79 19.25 6.09
CA PHE B 164 -8.40 19.49 5.72
C PHE B 164 -7.95 20.87 6.15
N ASP B 165 -8.76 21.90 5.86
CA ASP B 165 -8.39 23.26 6.22
C ASP B 165 -8.06 23.37 7.71
N PHE B 166 -8.88 22.75 8.56
CA PHE B 166 -8.61 22.76 9.99
C PHE B 166 -7.34 21.98 10.31
N ALA B 167 -7.24 20.75 9.81
CA ALA B 167 -6.12 19.89 10.15
C ALA B 167 -4.78 20.51 9.75
N MET B 168 -4.76 21.28 8.66
CA MET B 168 -3.49 21.89 8.23
C MET B 168 -3.02 22.93 9.23
N LYS B 169 -3.92 23.82 9.67
CA LYS B 169 -3.55 24.79 10.71
C LYS B 169 -3.35 24.10 12.05
N PHE B 170 -4.05 22.99 12.29
CA PHE B 170 -3.91 22.29 13.56
C PHE B 170 -2.57 21.56 13.65
N ASN B 171 -2.15 20.92 12.55
CA ASN B 171 -0.85 20.28 12.53
C ASN B 171 0.29 21.28 12.63
N ALA B 172 0.06 22.55 12.28
CA ALA B 172 1.11 23.54 12.39
C ALA B 172 1.62 23.68 13.81
N LEU B 173 0.78 23.39 14.80
CA LEU B 173 1.19 23.43 16.20
C LEU B 173 2.16 22.31 16.56
N GLU B 174 2.30 21.30 15.70
CA GLU B 174 3.27 20.23 15.90
C GLU B 174 3.07 19.51 17.23
N LEU B 175 1.80 19.26 17.58
CA LEU B 175 1.49 18.50 18.78
C LEU B 175 1.90 17.04 18.60
N ASP B 176 1.93 16.32 19.73
CA ASP B 176 2.18 14.89 19.75
C ASP B 176 1.03 14.20 20.49
N ASP B 177 1.07 12.86 20.46
CA ASP B 177 0.01 12.08 21.08
C ASP B 177 -0.17 12.41 22.55
N SER B 178 0.92 12.80 23.25
CA SER B 178 0.78 13.16 24.65
C SER B 178 -0.06 14.42 24.81
N ASP B 179 0.08 15.38 23.91
CA ASP B 179 -0.74 16.59 23.97
C ASP B 179 -2.15 16.32 23.48
N ILE B 180 -2.30 15.53 22.42
CA ILE B 180 -3.61 15.31 21.82
C ILE B 180 -4.53 14.57 22.78
N SER B 181 -4.02 13.54 23.45
CA SER B 181 -4.85 12.74 24.35
C SER B 181 -5.54 13.62 25.38
N LEU B 182 -4.77 14.50 26.03
CA LEU B 182 -5.38 15.43 26.99
C LEU B 182 -6.32 16.39 26.29
N PHE B 183 -5.93 16.90 25.12
CA PHE B 183 -6.82 17.77 24.35
C PHE B 183 -8.14 17.08 24.07
N VAL B 184 -8.11 15.81 23.67
CA VAL B 184 -9.34 15.08 23.41
C VAL B 184 -10.14 14.91 24.70
N ALA B 185 -9.46 14.53 25.79
CA ALA B 185 -10.14 14.40 27.07
C ALA B 185 -10.81 15.71 27.47
N ALA B 186 -10.13 16.83 27.25
CA ALA B 186 -10.71 18.12 27.58
C ALA B 186 -11.98 18.37 26.77
N ILE B 187 -12.00 17.93 25.51
CA ILE B 187 -13.18 18.13 24.67
C ILE B 187 -14.36 17.33 25.22
N ILE B 188 -14.10 16.13 25.74
CA ILE B 188 -15.18 15.31 26.26
C ILE B 188 -15.69 15.82 27.60
N CYS B 189 -14.88 16.62 28.31
CA CYS B 189 -15.30 17.13 29.61
C CYS B 189 -15.60 18.63 29.54
N CYS B 190 -16.37 19.03 28.54
CA CYS B 190 -16.78 20.43 28.40
C CYS B 190 -18.07 20.65 29.18
N GLY B 191 -18.00 21.48 30.22
CA GLY B 191 -19.08 21.67 31.15
C GLY B 191 -20.28 22.47 30.67
N ASP B 192 -20.23 22.99 29.45
CA ASP B 192 -21.36 23.79 28.95
C ASP B 192 -22.07 23.07 27.81
N ARG B 193 -22.38 21.79 27.99
CA ARG B 193 -23.11 21.05 26.98
C ARG B 193 -24.61 21.12 27.28
N PRO B 194 -25.44 21.35 26.26
CA PRO B 194 -26.89 21.38 26.49
C PRO B 194 -27.38 20.05 27.05
N GLY B 195 -28.53 20.11 27.71
CA GLY B 195 -29.08 18.92 28.35
C GLY B 195 -28.25 18.42 29.51
N LEU B 196 -27.66 19.32 30.28
CA LEU B 196 -26.78 18.95 31.38
C LEU B 196 -27.57 18.70 32.66
N LEU B 197 -27.04 17.82 33.50
CA LEU B 197 -27.67 17.46 34.76
C LEU B 197 -26.81 17.93 35.95
N ASN B 198 -25.62 17.35 36.14
CA ASN B 198 -24.74 17.71 37.25
C ASN B 198 -23.65 18.64 36.72
N VAL B 199 -24.04 19.90 36.50
CA VAL B 199 -23.09 20.87 35.96
C VAL B 199 -21.89 21.03 36.90
N GLY B 200 -22.15 21.08 38.20
CA GLY B 200 -21.06 21.25 39.15
C GLY B 200 -20.07 20.10 39.12
N HIS B 201 -20.56 18.88 38.89
CA HIS B 201 -19.67 17.73 38.84
C HIS B 201 -18.76 17.79 37.61
N ILE B 202 -19.35 17.96 36.43
CA ILE B 202 -18.55 17.96 35.20
C ILE B 202 -17.54 19.11 35.22
N GLU B 203 -17.96 20.28 35.71
CA GLU B 203 -17.07 21.44 35.69
C GLU B 203 -15.78 21.17 36.47
N LYS B 204 -15.90 20.59 37.66
CA LYS B 204 -14.71 20.31 38.45
C LYS B 204 -13.85 19.24 37.79
N MET B 205 -14.47 18.19 37.24
CA MET B 205 -13.72 17.22 36.46
C MET B 205 -13.00 17.89 35.30
N GLN B 206 -13.67 18.83 34.64
CA GLN B 206 -13.04 19.57 33.54
C GLN B 206 -11.81 20.33 34.03
N GLU B 207 -11.97 21.14 35.08
CA GLU B 207 -10.87 21.95 35.59
C GLU B 207 -9.65 21.11 35.94
N GLY B 208 -9.84 19.83 36.25
CA GLY B 208 -8.70 18.96 36.48
C GLY B 208 -7.94 18.66 35.20
N ILE B 209 -8.65 18.23 34.16
CA ILE B 209 -8.02 17.95 32.88
C ILE B 209 -7.43 19.22 32.29
N VAL B 210 -8.22 20.30 32.28
CA VAL B 210 -7.75 21.57 31.72
C VAL B 210 -6.47 22.01 32.42
N HIS B 211 -6.40 21.82 33.75
CA HIS B 211 -5.23 22.24 34.49
C HIS B 211 -3.99 21.46 34.07
N VAL B 212 -4.09 20.12 34.07
CA VAL B 212 -2.94 19.29 33.68
C VAL B 212 -2.56 19.55 32.23
N LEU B 213 -3.55 19.74 31.37
CA LEU B 213 -3.27 20.05 29.97
C LEU B 213 -2.43 21.32 29.85
N ARG B 214 -2.84 22.38 30.55
CA ARG B 214 -2.13 23.65 30.47
C ARG B 214 -0.68 23.49 30.92
N LEU B 215 -0.45 22.81 32.04
CA LEU B 215 0.91 22.63 32.53
C LEU B 215 1.70 21.65 31.67
N HIS B 216 1.03 20.63 31.12
CA HIS B 216 1.74 19.68 30.26
C HIS B 216 2.27 20.36 29.01
N LEU B 217 1.48 21.25 28.40
CA LEU B 217 1.93 21.96 27.22
C LEU B 217 3.13 22.84 27.55
N GLN B 218 3.04 23.61 28.63
CA GLN B 218 4.18 24.42 29.06
C GLN B 218 5.44 23.58 29.21
N SER B 219 5.31 22.42 29.88
CA SER B 219 6.46 21.53 30.04
C SER B 219 6.94 21.01 28.69
N ASN B 220 6.02 20.53 27.86
CA ASN B 220 6.38 19.84 26.64
C ASN B 220 6.66 20.78 25.47
N HIS B 221 6.12 22.00 25.50
CA HIS B 221 6.30 23.00 24.45
C HIS B 221 6.64 24.34 25.09
N PRO B 222 7.81 24.45 25.73
CA PRO B 222 8.13 25.68 26.45
C PRO B 222 8.24 26.90 25.56
N ASP B 223 8.87 26.75 24.38
CA ASP B 223 9.05 27.89 23.49
C ASP B 223 7.75 28.41 22.90
N ASP B 224 6.66 27.65 22.99
CA ASP B 224 5.35 28.10 22.49
C ASP B 224 4.53 28.58 23.68
N ILE B 225 4.79 29.83 24.08
CA ILE B 225 4.20 30.35 25.31
C ILE B 225 2.69 30.24 25.29
N PHE B 226 2.06 30.71 24.21
CA PHE B 226 0.60 30.76 24.09
C PHE B 226 0.05 29.55 23.34
N LEU B 227 0.70 28.39 23.48
CA LEU B 227 0.15 27.17 22.85
C LEU B 227 -1.17 26.78 23.49
N PHE B 228 -1.28 26.89 24.81
CA PHE B 228 -2.55 26.59 25.47
C PHE B 228 -3.67 27.49 24.99
N PRO B 229 -3.53 28.81 24.97
CA PRO B 229 -4.61 29.65 24.41
C PRO B 229 -4.99 29.27 23.00
N LYS B 230 -4.02 28.91 22.16
CA LYS B 230 -4.32 28.49 20.80
C LYS B 230 -5.24 27.28 20.78
N LEU B 231 -4.97 26.28 21.64
CA LEU B 231 -5.83 25.10 21.69
C LEU B 231 -7.23 25.46 22.16
N LEU B 232 -7.33 26.37 23.13
CA LEU B 232 -8.64 26.90 23.51
C LEU B 232 -9.36 27.45 22.28
N GLN B 233 -8.61 28.15 21.42
CA GLN B 233 -9.20 28.63 20.17
C GLN B 233 -9.57 27.46 19.25
N LYS B 234 -8.71 26.44 19.19
CA LYS B 234 -9.01 25.29 18.34
C LYS B 234 -10.24 24.54 18.83
N MET B 235 -10.52 24.59 20.13
CA MET B 235 -11.75 23.99 20.64
C MET B 235 -12.96 24.73 20.09
N ALA B 236 -12.93 26.07 20.11
CA ALA B 236 -14.01 26.84 19.53
C ALA B 236 -14.18 26.51 18.06
N ASP B 237 -13.09 26.58 17.29
CA ASP B 237 -13.14 26.19 15.89
C ASP B 237 -13.81 24.83 15.72
N LEU B 238 -13.41 23.85 16.54
CA LEU B 238 -13.98 22.52 16.42
C LEU B 238 -15.48 22.53 16.67
N ARG B 239 -15.94 23.30 17.66
CA ARG B 239 -17.37 23.40 17.91
C ARG B 239 -18.10 23.92 16.69
N GLN B 240 -17.60 25.00 16.08
CA GLN B 240 -18.22 25.54 14.87
C GLN B 240 -18.13 24.54 13.73
N LEU B 241 -16.93 24.00 13.48
CA LEU B 241 -16.75 23.05 12.39
C LEU B 241 -17.74 21.89 12.50
N VAL B 242 -18.01 21.44 13.72
CA VAL B 242 -18.97 20.36 13.92
C VAL B 242 -20.38 20.84 13.56
N THR B 243 -20.75 22.03 14.04
CA THR B 243 -22.04 22.60 13.68
C THR B 243 -22.23 22.66 12.17
N GLU B 244 -21.22 23.15 11.46
CA GLU B 244 -21.30 23.22 10.00
C GLU B 244 -21.41 21.82 9.40
N HIS B 245 -20.59 20.87 9.88
CA HIS B 245 -20.70 19.50 9.41
C HIS B 245 -22.09 18.93 9.68
N ALA B 246 -22.72 19.32 10.78
CA ALA B 246 -24.05 18.83 11.09
C ALA B 246 -25.08 19.36 10.10
N GLN B 247 -25.02 20.65 9.78
CA GLN B 247 -25.93 21.22 8.79
C GLN B 247 -25.80 20.50 7.45
N LEU B 248 -24.57 20.21 7.04
CA LEU B 248 -24.35 19.55 5.76
C LEU B 248 -24.80 18.09 5.77
N VAL B 249 -24.95 17.48 6.94
CA VAL B 249 -25.40 16.10 7.01
C VAL B 249 -26.91 16.00 6.83
N GLN B 250 -27.65 16.76 7.65
CA GLN B 250 -29.10 16.78 7.48
C GLN B 250 -29.50 17.24 6.07
N ILE B 251 -28.73 18.14 5.49
CA ILE B 251 -28.98 18.55 4.10
C ILE B 251 -28.79 17.38 3.16
N ILE B 252 -27.73 16.58 3.37
CA ILE B 252 -27.53 15.40 2.55
C ILE B 252 -28.62 14.37 2.82
N LYS B 253 -29.09 14.30 4.06
CA LYS B 253 -30.08 13.29 4.44
C LYS B 253 -31.42 13.50 3.74
N LYS B 254 -31.66 14.67 3.15
CA LYS B 254 -32.93 14.97 2.51
C LYS B 254 -32.87 14.98 1.00
N THR B 255 -31.74 15.38 0.41
CA THR B 255 -31.61 15.50 -1.04
C THR B 255 -30.97 14.28 -1.68
N GLU B 256 -30.59 13.27 -0.90
CA GLU B 256 -29.96 12.06 -1.40
C GLU B 256 -30.73 10.86 -0.86
N SER B 257 -31.52 10.21 -1.72
CA SER B 257 -32.35 9.09 -1.28
C SER B 257 -31.51 7.85 -1.02
N ASP B 258 -30.43 7.64 -1.77
CA ASP B 258 -29.60 6.45 -1.64
C ASP B 258 -28.55 6.59 -0.54
N ALA B 259 -28.57 7.69 0.22
CA ALA B 259 -27.60 7.92 1.29
C ALA B 259 -28.27 7.62 2.62
N ALA B 260 -27.96 6.46 3.20
CA ALA B 260 -28.53 6.04 4.46
C ALA B 260 -27.65 6.51 5.62
N LEU B 261 -28.29 6.88 6.73
CA LEU B 261 -27.61 7.32 7.93
C LEU B 261 -27.60 6.19 8.95
N HIS B 262 -26.41 5.81 9.42
CA HIS B 262 -26.28 4.72 10.37
C HIS B 262 -27.14 4.99 11.61
N PRO B 263 -27.69 3.93 12.22
CA PRO B 263 -28.53 4.15 13.41
C PRO B 263 -27.81 4.82 14.55
N LEU B 264 -26.63 4.33 14.94
CA LEU B 264 -25.90 4.92 16.05
C LEU B 264 -25.60 6.39 15.80
N LEU B 265 -25.13 6.72 14.58
CA LEU B 265 -24.82 8.10 14.26
C LEU B 265 -26.08 8.97 14.28
N GLN B 266 -27.18 8.44 13.76
CA GLN B 266 -28.42 9.22 13.69
C GLN B 266 -28.87 9.66 15.08
N GLU B 267 -28.70 8.78 16.08
CA GLU B 267 -29.05 9.15 17.45
C GLU B 267 -28.21 10.34 17.92
N ILE B 268 -26.95 10.40 17.50
CA ILE B 268 -26.07 11.49 17.94
C ILE B 268 -26.53 12.81 17.34
N TYR B 269 -26.76 12.83 16.02
CA TYR B 269 -27.15 14.06 15.36
C TYR B 269 -28.54 14.53 15.78
N ARG B 270 -29.41 13.60 16.17
CA ARG B 270 -30.78 13.96 16.52
C ARG B 270 -30.79 14.92 17.71
N ASP B 271 -31.46 16.06 17.53
CA ASP B 271 -31.61 17.06 18.59
C ASP B 271 -30.25 17.55 19.08
N MET B 272 -29.44 18.04 18.14
CA MET B 272 -28.11 18.55 18.44
C MET B 272 -28.07 20.07 18.33
N TYR B 273 -28.23 20.62 17.14
CA TYR B 273 -28.22 22.08 16.95
C TYR B 273 -29.49 22.55 16.24
#